data_2B6O
#
_entry.id   2B6O
#
_cell.length_a   65.500
_cell.length_b   65.500
_cell.length_c   160.000
_cell.angle_alpha   90.00
_cell.angle_beta   90.00
_cell.angle_gamma   90.00
#
_symmetry.space_group_name_H-M   'P 4 2 2'
#
loop_
_entity.id
_entity.type
_entity.pdbx_description
1 polymer 'Lens fiber major intrinsic protein'
2 non-polymer 1,2-DIMYRISTOYL-RAC-GLYCERO-3-PHOSPHOCHOLINE
3 water water
#
_entity_poly.entity_id   1
_entity_poly.type   'polypeptide(L)'
_entity_poly.pdbx_seq_one_letter_code
;MWELRSASFWRAIFAEFFATLFYVFFGLGASLRWAPGPLHVLQVALAFGLALATLVQAVGHISGAHVNPAVTFAFLVGSQ
MSLLRAICYVVAQLLGAVAGAAVLYSVTPPAVRGNLALNTLHPGVSVGQATIVEIFLTLQFVLCIFATYDERRNGRLGSV
ALAVGFSLTLGHLFGMYYTGAGMNPARSFAPAILTRNFTNHWVYWVGPVIGAGLGSLLYDFLLFPRLKSVSERLSILKGT
RPSESNGQPEVTGEPVELKTQAL
;
_entity_poly.pdbx_strand_id   A
#
# COMPACT_ATOMS: atom_id res chain seq x y z
N ARG A 5 12.95 7.56 -20.99
CA ARG A 5 14.15 8.28 -20.50
C ARG A 5 14.03 8.66 -19.02
N SER A 6 15.15 9.00 -18.39
CA SER A 6 15.19 9.36 -16.98
C SER A 6 14.12 10.40 -16.65
N ALA A 7 13.78 11.22 -17.63
CA ALA A 7 12.76 12.23 -17.42
C ALA A 7 11.47 11.50 -17.09
N SER A 8 11.52 10.18 -17.06
CA SER A 8 10.36 9.36 -16.75
C SER A 8 10.64 8.58 -15.47
N PHE A 9 11.81 7.95 -15.42
CA PHE A 9 12.20 7.17 -14.26
C PHE A 9 12.16 8.03 -13.01
N TRP A 10 12.88 9.16 -13.08
CA TRP A 10 12.97 10.10 -11.96
C TRP A 10 11.68 10.86 -11.67
N ARG A 11 10.78 10.91 -12.64
CA ARG A 11 9.50 11.56 -12.40
C ARG A 11 8.76 10.56 -11.49
N ALA A 12 8.51 9.37 -12.05
CA ALA A 12 7.83 8.27 -11.36
C ALA A 12 8.32 8.10 -9.94
N ILE A 13 9.63 8.24 -9.74
CA ILE A 13 10.23 8.10 -8.42
C ILE A 13 9.79 9.21 -7.52
N PHE A 14 9.58 10.38 -8.11
CA PHE A 14 9.16 11.50 -7.31
C PHE A 14 7.66 11.37 -7.12
N ALA A 15 6.97 11.05 -8.20
CA ALA A 15 5.52 10.89 -8.11
C ALA A 15 5.26 9.84 -7.01
N GLU A 16 6.13 8.83 -6.92
CA GLU A 16 6.00 7.80 -5.89
C GLU A 16 6.36 8.34 -4.48
N PHE A 17 7.30 9.28 -4.43
CA PHE A 17 7.70 9.94 -3.18
C PHE A 17 6.55 10.84 -2.76
N PHE A 18 6.12 11.73 -3.63
CA PHE A 18 4.98 12.58 -3.25
C PHE A 18 3.71 11.74 -3.00
N ALA A 19 3.33 10.91 -3.98
CA ALA A 19 2.12 10.06 -3.85
C ALA A 19 2.08 9.22 -2.56
N THR A 20 3.24 8.81 -2.07
CA THR A 20 3.29 8.05 -0.84
C THR A 20 3.21 9.02 0.33
N LEU A 21 4.01 10.10 0.24
CA LEU A 21 4.03 11.13 1.25
C LEU A 21 2.61 11.59 1.56
N PHE A 22 1.83 11.95 0.55
CA PHE A 22 0.47 12.43 0.83
C PHE A 22 -0.38 11.34 1.44
N TYR A 23 -0.20 10.15 0.91
CA TYR A 23 -0.96 8.98 1.35
C TYR A 23 -0.81 8.82 2.83
N VAL A 24 0.43 8.83 3.31
CA VAL A 24 0.66 8.70 4.72
C VAL A 24 0.02 9.89 5.41
N PHE A 25 0.39 11.09 4.98
CA PHE A 25 -0.12 12.33 5.55
C PHE A 25 -1.64 12.33 5.68
N PHE A 26 -2.34 12.20 4.57
CA PHE A 26 -3.80 12.18 4.66
C PHE A 26 -4.33 10.99 5.39
N GLY A 27 -4.00 9.80 4.90
CA GLY A 27 -4.45 8.57 5.55
C GLY A 27 -4.19 8.70 7.03
N LEU A 28 -2.94 8.57 7.43
CA LEU A 28 -2.54 8.65 8.83
C LEU A 28 -3.10 9.82 9.59
N GLY A 29 -3.15 10.99 8.96
CA GLY A 29 -3.66 12.16 9.62
C GLY A 29 -5.17 12.17 9.87
N ALA A 30 -5.86 11.15 9.37
CA ALA A 30 -7.31 10.99 9.51
C ALA A 30 -7.55 9.92 10.52
N SER A 31 -6.58 9.07 10.60
CA SER A 31 -6.63 7.95 11.46
C SER A 31 -6.36 8.28 12.87
N LEU A 32 -5.91 9.52 13.15
CA LEU A 32 -5.59 9.96 14.53
C LEU A 32 -6.78 9.84 15.50
N ARG A 33 -7.63 8.84 15.22
CA ARG A 33 -8.85 8.52 15.97
C ARG A 33 -9.21 9.60 16.98
N TRP A 34 -9.58 10.76 16.45
CA TRP A 34 -9.96 11.87 17.29
C TRP A 34 -11.44 11.62 17.60
N ALA A 35 -12.03 10.58 16.98
CA ALA A 35 -13.45 10.29 17.17
C ALA A 35 -13.92 8.86 17.50
N PRO A 36 -13.84 8.48 18.78
CA PRO A 36 -14.21 7.18 19.37
C PRO A 36 -15.56 6.58 18.98
N GLY A 37 -16.66 7.24 19.36
CA GLY A 37 -18.00 6.76 19.05
C GLY A 37 -18.08 6.40 17.59
N PRO A 38 -18.36 7.37 16.68
CA PRO A 38 -18.45 7.06 15.24
C PRO A 38 -17.14 6.39 14.91
N LEU A 39 -17.18 5.06 14.93
CA LEU A 39 -16.00 4.29 14.64
C LEU A 39 -15.04 5.09 13.78
N HIS A 40 -13.79 5.11 14.17
CA HIS A 40 -12.83 5.81 13.36
C HIS A 40 -12.88 4.97 12.10
N VAL A 41 -13.24 3.70 12.26
CA VAL A 41 -13.26 2.75 11.18
C VAL A 41 -13.82 3.12 9.84
N LEU A 42 -15.02 3.68 9.78
CA LEU A 42 -15.55 4.05 8.49
C LEU A 42 -14.76 5.24 8.08
N GLN A 43 -14.40 6.05 9.08
CA GLN A 43 -13.63 7.22 8.78
C GLN A 43 -12.27 6.89 8.22
N VAL A 44 -11.38 6.42 9.08
CA VAL A 44 -10.05 6.14 8.59
C VAL A 44 -10.10 5.16 7.45
N ALA A 45 -11.11 4.30 7.39
CA ALA A 45 -11.13 3.35 6.31
C ALA A 45 -11.35 3.98 4.95
N LEU A 46 -12.30 4.91 4.82
CA LEU A 46 -12.52 5.59 3.54
C LEU A 46 -11.39 6.61 3.32
N ALA A 47 -10.90 7.20 4.40
CA ALA A 47 -9.77 8.13 4.30
C ALA A 47 -8.66 7.46 3.47
N PHE A 48 -8.27 6.27 3.91
CA PHE A 48 -7.22 5.53 3.22
C PHE A 48 -7.61 5.14 1.81
N GLY A 49 -8.89 4.87 1.60
CA GLY A 49 -9.33 4.52 0.28
C GLY A 49 -9.32 5.75 -0.63
N LEU A 50 -10.01 6.83 -0.22
CA LEU A 50 -10.02 8.06 -1.02
C LEU A 50 -8.62 8.56 -1.22
N ALA A 51 -7.86 8.59 -0.15
CA ALA A 51 -6.48 9.02 -0.27
C ALA A 51 -5.89 8.26 -1.46
N LEU A 52 -5.92 6.93 -1.42
CA LEU A 52 -5.41 6.07 -2.51
C LEU A 52 -6.12 6.38 -3.84
N ALA A 53 -7.45 6.43 -3.83
CA ALA A 53 -8.21 6.73 -5.05
C ALA A 53 -7.75 8.02 -5.68
N THR A 54 -7.45 9.03 -4.89
CA THR A 54 -6.98 10.30 -5.45
C THR A 54 -5.57 10.18 -5.96
N LEU A 55 -4.72 9.57 -5.15
CA LEU A 55 -3.36 9.42 -5.58
C LEU A 55 -3.29 8.62 -6.86
N VAL A 56 -4.16 7.63 -7.03
CA VAL A 56 -4.13 6.88 -8.28
C VAL A 56 -4.72 7.70 -9.45
N GLN A 57 -5.72 8.53 -9.21
CA GLN A 57 -6.27 9.33 -10.29
C GLN A 57 -5.12 10.26 -10.63
N ALA A 58 -4.54 10.82 -9.58
CA ALA A 58 -3.44 11.74 -9.75
C ALA A 58 -2.16 11.10 -10.29
N VAL A 59 -1.44 10.36 -9.43
CA VAL A 59 -0.16 9.72 -9.76
C VAL A 59 -0.16 8.43 -10.57
N GLY A 60 -1.20 7.62 -10.43
CA GLY A 60 -1.23 6.37 -11.17
C GLY A 60 -1.17 6.64 -12.65
N HIS A 61 -1.12 7.91 -12.99
CA HIS A 61 -1.09 8.40 -14.36
C HIS A 61 0.36 8.55 -14.84
N ILE A 62 1.30 8.31 -13.93
CA ILE A 62 2.72 8.49 -14.22
C ILE A 62 3.66 7.40 -13.74
N SER A 63 3.47 6.94 -12.51
CA SER A 63 4.34 5.91 -11.96
C SER A 63 3.62 4.59 -11.72
N GLY A 64 2.33 4.70 -11.39
CA GLY A 64 1.52 3.53 -11.10
C GLY A 64 0.82 3.78 -9.78
N ALA A 65 1.40 4.66 -8.96
CA ALA A 65 0.82 5.04 -7.66
C ALA A 65 0.80 3.87 -6.65
N HIS A 66 1.87 3.09 -6.64
CA HIS A 66 1.93 1.95 -5.73
C HIS A 66 1.89 2.42 -4.29
N VAL A 67 2.69 3.45 -3.96
CA VAL A 67 2.73 4.00 -2.59
C VAL A 67 2.63 2.90 -1.57
N ASN A 68 3.22 1.75 -1.90
CA ASN A 68 3.12 0.60 -1.05
C ASN A 68 4.21 -0.39 -1.42
N PRO A 69 5.20 -0.56 -0.55
CA PRO A 69 6.31 -1.50 -0.79
C PRO A 69 5.79 -2.93 -1.11
N ALA A 70 4.55 -3.22 -0.72
CA ALA A 70 3.95 -4.54 -0.97
C ALA A 70 3.53 -4.63 -2.45
N VAL A 71 2.88 -3.58 -2.95
CA VAL A 71 2.43 -3.55 -4.34
C VAL A 71 3.63 -3.47 -5.26
N THR A 72 4.62 -2.68 -4.88
CA THR A 72 5.78 -2.60 -5.74
C THR A 72 6.42 -4.00 -5.78
N PHE A 73 6.39 -4.72 -4.65
CA PHE A 73 6.95 -6.07 -4.68
C PHE A 73 6.08 -6.95 -5.55
N ALA A 74 4.76 -6.76 -5.45
CA ALA A 74 3.81 -7.56 -6.19
C ALA A 74 3.96 -7.38 -7.70
N PHE A 75 4.34 -6.19 -8.16
CA PHE A 75 4.54 -6.00 -9.60
C PHE A 75 5.90 -6.61 -9.96
N LEU A 76 6.84 -6.58 -9.03
CA LEU A 76 8.16 -7.14 -9.32
C LEU A 76 8.07 -8.66 -9.55
N VAL A 77 7.54 -9.41 -8.58
CA VAL A 77 7.36 -10.84 -8.79
C VAL A 77 6.62 -10.91 -10.11
N GLY A 78 5.59 -10.06 -10.22
CA GLY A 78 4.78 -10.02 -11.43
C GLY A 78 5.55 -9.90 -12.73
N SER A 79 6.86 -9.90 -12.65
CA SER A 79 7.69 -9.77 -13.84
C SER A 79 7.22 -8.60 -14.69
N GLN A 80 6.80 -7.53 -14.02
CA GLN A 80 6.34 -6.33 -14.72
C GLN A 80 7.37 -5.20 -14.62
N MET A 81 8.06 -5.10 -13.48
CA MET A 81 9.07 -4.06 -13.30
C MET A 81 10.50 -4.60 -13.34
N SER A 82 11.46 -3.68 -13.13
CA SER A 82 12.89 -3.98 -13.09
C SER A 82 13.22 -3.97 -11.62
N LEU A 83 14.18 -4.76 -11.19
CA LEU A 83 14.49 -4.80 -9.77
C LEU A 83 15.00 -3.43 -9.37
N LEU A 84 15.51 -2.68 -10.34
CA LEU A 84 16.00 -1.35 -10.05
C LEU A 84 14.81 -0.43 -9.71
N ARG A 85 13.96 -0.22 -10.70
CA ARG A 85 12.77 0.61 -10.49
C ARG A 85 12.04 0.07 -9.23
N ALA A 86 11.98 -1.24 -9.10
CA ALA A 86 11.33 -1.83 -7.95
C ALA A 86 12.01 -1.49 -6.64
N ILE A 87 13.26 -1.09 -6.65
CA ILE A 87 13.90 -0.76 -5.38
C ILE A 87 13.87 0.74 -5.22
N CYS A 88 13.89 1.45 -6.35
CA CYS A 88 13.83 2.90 -6.30
C CYS A 88 12.49 3.27 -5.66
N TYR A 89 11.43 2.59 -6.08
CA TYR A 89 10.07 2.84 -5.57
C TYR A 89 9.94 2.62 -4.08
N VAL A 90 10.46 1.51 -3.58
CA VAL A 90 10.37 1.22 -2.16
C VAL A 90 11.12 2.25 -1.32
N VAL A 91 12.29 2.68 -1.77
CA VAL A 91 13.04 3.70 -1.01
C VAL A 91 12.35 5.08 -1.13
N ALA A 92 11.60 5.28 -2.22
CA ALA A 92 10.93 6.53 -2.44
C ALA A 92 9.62 6.54 -1.67
N GLN A 93 9.05 5.36 -1.43
CA GLN A 93 7.81 5.24 -0.69
C GLN A 93 8.17 5.35 0.81
N LEU A 94 9.21 4.65 1.22
CA LEU A 94 9.65 4.72 2.62
C LEU A 94 10.01 6.16 3.00
N LEU A 95 10.68 6.86 2.08
CA LEU A 95 11.08 8.26 2.28
C LEU A 95 9.84 9.13 2.18
N GLY A 96 8.90 8.69 1.33
CA GLY A 96 7.69 9.46 1.16
C GLY A 96 6.95 9.38 2.47
N ALA A 97 6.72 8.16 2.91
CA ALA A 97 6.02 7.88 4.14
C ALA A 97 6.55 8.71 5.27
N VAL A 98 7.80 8.44 5.65
CA VAL A 98 8.44 9.15 6.73
C VAL A 98 8.31 10.64 6.56
N ALA A 99 8.44 11.12 5.33
CA ALA A 99 8.31 12.57 5.13
C ALA A 99 6.85 12.99 5.37
N GLY A 100 5.90 12.30 4.75
CA GLY A 100 4.53 12.67 4.98
C GLY A 100 4.20 12.50 6.44
N ALA A 101 4.90 11.61 7.12
CA ALA A 101 4.65 11.38 8.55
C ALA A 101 5.29 12.45 9.42
N ALA A 102 6.42 13.00 8.93
CA ALA A 102 7.10 14.10 9.63
C ALA A 102 6.19 15.32 9.56
N VAL A 103 5.72 15.63 8.36
CA VAL A 103 4.87 16.79 8.20
C VAL A 103 3.65 16.69 9.07
N LEU A 104 2.90 15.62 8.96
CA LEU A 104 1.74 15.47 9.79
C LEU A 104 2.11 15.82 11.21
N TYR A 105 3.19 15.24 11.71
CA TYR A 105 3.69 15.52 13.07
C TYR A 105 3.85 17.07 13.34
N SER A 106 4.40 17.78 12.38
CA SER A 106 4.64 19.20 12.54
C SER A 106 3.39 20.03 12.44
N VAL A 107 2.29 19.45 11.94
CA VAL A 107 1.09 20.21 11.80
C VAL A 107 0.02 19.91 12.80
N THR A 108 0.10 18.76 13.45
CA THR A 108 -0.95 18.33 14.39
C THR A 108 -0.59 18.46 15.85
N PRO A 109 -1.47 19.10 16.61
CA PRO A 109 -1.15 19.25 18.03
C PRO A 109 -0.77 17.95 18.71
N PRO A 110 0.13 18.02 19.69
CA PRO A 110 0.55 16.82 20.44
C PRO A 110 -0.63 16.00 20.85
N ALA A 111 -1.49 16.61 21.65
CA ALA A 111 -2.69 15.99 22.18
C ALA A 111 -3.46 15.11 21.15
N VAL A 112 -3.18 15.33 19.87
CA VAL A 112 -3.80 14.57 18.81
C VAL A 112 -2.76 13.63 18.23
N ARG A 113 -1.60 14.17 17.83
CA ARG A 113 -0.56 13.33 17.25
C ARG A 113 -0.02 12.34 18.27
N GLY A 114 -0.82 11.39 18.72
CA GLY A 114 -0.26 10.48 19.68
C GLY A 114 0.89 9.68 19.05
N ASN A 115 0.65 8.38 18.91
CA ASN A 115 1.60 7.46 18.34
C ASN A 115 1.60 7.55 16.80
N LEU A 116 0.98 8.60 16.26
CA LEU A 116 0.92 8.79 14.81
C LEU A 116 0.12 7.71 14.11
N ALA A 117 -0.84 7.12 14.82
CA ALA A 117 -1.64 6.08 14.23
C ALA A 117 -0.76 4.86 13.88
N LEU A 118 0.16 4.50 14.76
CA LEU A 118 1.05 3.32 14.51
C LEU A 118 0.27 1.98 14.41
N ASN A 119 0.45 1.23 13.34
CA ASN A 119 -0.16 -0.08 13.24
C ASN A 119 0.36 -0.93 14.42
N THR A 120 -0.57 -1.54 15.15
CA THR A 120 -0.29 -2.39 16.31
C THR A 120 -1.29 -3.56 16.30
N LEU A 121 -0.83 -4.79 16.42
CA LEU A 121 -1.76 -5.90 16.42
C LEU A 121 -2.76 -5.73 17.53
N HIS A 122 -3.96 -6.20 17.26
CA HIS A 122 -5.05 -6.14 18.23
C HIS A 122 -4.67 -7.00 19.44
N PRO A 123 -5.12 -6.62 20.66
CA PRO A 123 -4.83 -7.33 21.92
C PRO A 123 -4.75 -8.84 21.95
N GLY A 124 -5.88 -9.51 21.72
CA GLY A 124 -5.86 -10.96 21.79
C GLY A 124 -5.33 -11.63 20.55
N VAL A 125 -5.20 -10.83 19.51
CA VAL A 125 -4.68 -11.32 18.28
C VAL A 125 -3.24 -11.55 18.59
N SER A 126 -2.67 -12.57 17.95
CA SER A 126 -1.26 -12.83 18.17
C SER A 126 -0.61 -12.48 16.84
N VAL A 127 0.69 -12.72 16.72
CA VAL A 127 1.37 -12.34 15.50
C VAL A 127 1.13 -13.20 14.27
N GLY A 128 0.93 -14.50 14.46
CA GLY A 128 0.68 -15.40 13.35
C GLY A 128 -0.67 -15.10 12.72
N GLN A 129 -1.73 -14.93 13.52
CA GLN A 129 -3.05 -14.58 13.01
C GLN A 129 -2.87 -13.22 12.33
N ALA A 130 -2.27 -12.27 13.06
CA ALA A 130 -1.98 -10.93 12.55
C ALA A 130 -1.35 -11.10 11.20
N THR A 131 -0.29 -11.88 11.16
CA THR A 131 0.36 -12.09 9.89
C THR A 131 -0.59 -12.72 8.89
N ILE A 132 -1.51 -13.54 9.38
CA ILE A 132 -2.44 -14.20 8.47
C ILE A 132 -3.32 -13.12 7.89
N VAL A 133 -3.91 -12.34 8.78
CA VAL A 133 -4.78 -11.23 8.43
C VAL A 133 -4.18 -10.27 7.42
N GLU A 134 -2.91 -9.87 7.62
CA GLU A 134 -2.23 -8.93 6.72
C GLU A 134 -1.98 -9.57 5.37
N ILE A 135 -1.98 -10.89 5.36
CA ILE A 135 -1.74 -11.61 4.13
C ILE A 135 -2.99 -11.49 3.28
N PHE A 136 -4.13 -11.83 3.87
CA PHE A 136 -5.37 -11.72 3.16
C PHE A 136 -5.67 -10.29 2.79
N LEU A 137 -5.28 -9.32 3.61
CA LEU A 137 -5.55 -7.93 3.25
C LEU A 137 -4.73 -7.49 2.06
N THR A 138 -3.50 -7.94 1.95
CA THR A 138 -2.75 -7.50 0.82
C THR A 138 -3.06 -8.28 -0.42
N LEU A 139 -3.49 -9.51 -0.23
CA LEU A 139 -3.83 -10.36 -1.33
C LEU A 139 -5.06 -9.82 -2.02
N GLN A 140 -6.11 -9.52 -1.26
CA GLN A 140 -7.28 -9.05 -1.95
C GLN A 140 -6.94 -7.70 -2.57
N PHE A 141 -6.15 -6.91 -1.86
CA PHE A 141 -5.80 -5.63 -2.41
C PHE A 141 -4.89 -5.71 -3.63
N VAL A 142 -3.86 -6.54 -3.55
CA VAL A 142 -2.94 -6.67 -4.66
C VAL A 142 -3.64 -7.34 -5.83
N LEU A 143 -4.73 -8.05 -5.56
CA LEU A 143 -5.43 -8.76 -6.60
C LEU A 143 -6.32 -7.78 -7.28
N CYS A 144 -6.85 -6.85 -6.51
CA CYS A 144 -7.68 -5.87 -7.16
C CYS A 144 -6.88 -4.96 -8.09
N ILE A 145 -5.69 -4.53 -7.68
CA ILE A 145 -4.84 -3.68 -8.53
C ILE A 145 -4.38 -4.40 -9.77
N PHE A 146 -3.98 -5.65 -9.63
CA PHE A 146 -3.51 -6.39 -10.80
C PHE A 146 -4.60 -6.48 -11.82
N ALA A 147 -5.82 -6.74 -11.36
CA ALA A 147 -6.98 -6.84 -12.23
C ALA A 147 -7.50 -5.49 -12.78
N THR A 148 -7.18 -4.36 -12.17
CA THR A 148 -7.65 -3.08 -12.72
C THR A 148 -6.59 -2.45 -13.61
N TYR A 149 -5.34 -2.80 -13.34
CA TYR A 149 -4.18 -2.31 -14.07
C TYR A 149 -3.91 -3.20 -15.27
N ASP A 150 -4.66 -4.29 -15.38
CA ASP A 150 -4.52 -5.29 -16.44
C ASP A 150 -5.28 -4.97 -17.72
N GLU A 151 -4.58 -4.40 -18.69
CA GLU A 151 -5.19 -3.99 -19.95
C GLU A 151 -6.12 -4.99 -20.64
N ARG A 152 -5.60 -6.16 -21.00
CA ARG A 152 -6.44 -7.15 -21.68
C ARG A 152 -7.85 -7.09 -21.10
N ARG A 153 -7.94 -6.97 -19.77
CA ARG A 153 -9.24 -6.86 -19.11
C ARG A 153 -9.79 -5.46 -19.37
N ASN A 154 -11.06 -5.37 -19.73
CA ASN A 154 -11.65 -4.08 -20.02
C ASN A 154 -13.15 -4.16 -20.03
N GLY A 155 -13.78 -3.30 -20.83
CA GLY A 155 -15.22 -3.28 -20.95
C GLY A 155 -15.86 -2.17 -20.13
N ARG A 156 -16.23 -2.50 -18.90
CA ARG A 156 -16.85 -1.52 -18.03
C ARG A 156 -16.54 -1.73 -16.56
N LEU A 157 -15.35 -1.29 -16.14
CA LEU A 157 -14.91 -1.38 -14.76
C LEU A 157 -15.07 0.00 -14.12
N GLY A 158 -15.33 1.00 -14.96
CA GLY A 158 -15.48 2.36 -14.47
C GLY A 158 -14.18 3.09 -14.16
N SER A 159 -13.88 3.20 -12.88
CA SER A 159 -12.69 3.89 -12.42
C SER A 159 -11.71 2.99 -11.67
N VAL A 160 -10.48 2.89 -12.18
CA VAL A 160 -9.45 2.09 -11.52
C VAL A 160 -9.26 2.63 -10.11
N ALA A 161 -9.15 3.97 -10.02
CA ALA A 161 -8.97 4.66 -8.75
C ALA A 161 -9.97 4.21 -7.69
N LEU A 162 -11.25 4.14 -8.02
CA LEU A 162 -12.25 3.65 -7.07
C LEU A 162 -12.10 2.11 -7.03
N ALA A 163 -12.08 1.55 -8.23
CA ALA A 163 -11.90 0.13 -8.40
C ALA A 163 -10.72 -0.32 -7.57
N VAL A 164 -9.94 0.64 -7.07
CA VAL A 164 -8.79 0.30 -6.26
C VAL A 164 -8.76 0.93 -4.88
N GLY A 165 -9.37 2.10 -4.76
CA GLY A 165 -9.47 2.75 -3.47
C GLY A 165 -10.51 2.02 -2.61
N PHE A 166 -11.53 1.41 -3.22
CA PHE A 166 -12.49 0.66 -2.41
C PHE A 166 -11.81 -0.63 -1.90
N SER A 167 -10.84 -1.13 -2.66
CA SER A 167 -10.14 -2.33 -2.24
C SER A 167 -9.38 -2.00 -0.98
N LEU A 168 -8.63 -0.90 -1.00
CA LEU A 168 -7.91 -0.46 0.18
C LEU A 168 -8.88 -0.30 1.38
N THR A 169 -10.03 0.34 1.13
CA THR A 169 -11.07 0.58 2.16
C THR A 169 -11.65 -0.71 2.71
N LEU A 170 -11.92 -1.66 1.85
CA LEU A 170 -12.44 -2.94 2.34
C LEU A 170 -11.32 -3.54 3.24
N GLY A 171 -10.05 -3.34 2.84
CA GLY A 171 -8.93 -3.86 3.62
C GLY A 171 -9.06 -3.37 5.04
N HIS A 172 -9.18 -2.06 5.21
CA HIS A 172 -9.34 -1.44 6.55
C HIS A 172 -10.69 -1.75 7.28
N LEU A 173 -11.78 -1.68 6.55
CA LEU A 173 -13.04 -1.96 7.20
C LEU A 173 -12.81 -3.25 8.01
N PHE A 174 -12.11 -4.22 7.41
CA PHE A 174 -11.80 -5.47 8.11
C PHE A 174 -10.65 -5.39 9.05
N GLY A 175 -9.45 -5.22 8.47
CA GLY A 175 -8.20 -5.20 9.21
C GLY A 175 -7.70 -4.10 10.13
N MET A 176 -8.52 -3.12 10.47
CA MET A 176 -8.08 -2.09 11.41
C MET A 176 -8.27 -2.75 12.77
N TYR A 177 -9.20 -3.69 12.85
CA TYR A 177 -9.51 -4.38 14.09
C TYR A 177 -8.49 -5.47 14.42
N TYR A 178 -8.06 -6.20 13.41
CA TYR A 178 -7.08 -7.24 13.66
C TYR A 178 -5.65 -6.66 13.84
N THR A 179 -5.19 -5.89 12.85
CA THR A 179 -3.86 -5.28 12.89
C THR A 179 -3.80 -3.79 12.75
N GLY A 180 -4.91 -3.08 12.77
CA GLY A 180 -4.77 -1.64 12.56
C GLY A 180 -4.82 -1.47 11.05
N ALA A 181 -4.74 -2.57 10.33
CA ALA A 181 -4.83 -2.59 8.87
C ALA A 181 -3.71 -1.93 8.11
N GLY A 182 -2.47 -2.15 8.53
CA GLY A 182 -1.38 -1.51 7.81
C GLY A 182 -1.46 -1.79 6.31
N MET A 183 -1.27 -3.07 5.95
CA MET A 183 -1.28 -3.59 4.56
C MET A 183 -0.43 -2.78 3.56
N ASN A 184 0.49 -2.00 4.14
CA ASN A 184 1.42 -1.09 3.45
C ASN A 184 2.57 -0.99 4.40
N PRO A 185 3.72 -1.58 4.06
CA PRO A 185 4.82 -1.46 5.02
C PRO A 185 5.23 -0.01 5.21
N ALA A 186 5.23 0.75 4.12
CA ALA A 186 5.61 2.14 4.19
C ALA A 186 4.82 2.74 5.35
N ARG A 187 3.52 2.58 5.27
CA ARG A 187 2.62 3.10 6.27
C ARG A 187 2.86 2.60 7.72
N SER A 188 3.39 1.39 7.88
CA SER A 188 3.65 0.89 9.23
C SER A 188 5.05 1.38 9.58
N PHE A 189 5.89 1.43 8.56
CA PHE A 189 7.25 1.89 8.72
C PHE A 189 7.30 3.32 9.29
N ALA A 190 6.82 4.30 8.51
CA ALA A 190 6.82 5.71 8.89
C ALA A 190 6.52 6.07 10.34
N PRO A 191 5.49 5.49 10.93
CA PRO A 191 5.33 5.92 12.32
C PRO A 191 6.10 5.00 13.26
N ALA A 192 6.76 4.01 12.71
CA ALA A 192 7.53 3.14 13.56
C ALA A 192 8.82 3.87 13.74
N ILE A 193 9.28 4.52 12.69
CA ILE A 193 10.52 5.30 12.81
C ILE A 193 10.39 6.59 13.65
N LEU A 194 9.31 7.35 13.48
CA LEU A 194 9.19 8.61 14.24
C LEU A 194 8.88 8.48 15.74
N THR A 195 8.28 7.37 16.13
CA THR A 195 7.88 7.14 17.51
C THR A 195 8.80 6.16 18.16
N ARG A 196 9.67 5.57 17.33
CA ARG A 196 10.62 4.55 17.75
C ARG A 196 9.86 3.50 18.54
N ASN A 197 8.90 2.87 17.87
CA ASN A 197 8.11 1.84 18.49
C ASN A 197 7.97 0.73 17.46
N PHE A 198 9.03 -0.05 17.26
CA PHE A 198 9.06 -1.12 16.27
C PHE A 198 8.47 -2.45 16.77
N THR A 199 7.59 -2.38 17.76
CA THR A 199 6.95 -3.58 18.31
C THR A 199 6.11 -4.33 17.26
N ASN A 200 6.15 -5.66 17.27
CA ASN A 200 5.39 -6.49 16.33
C ASN A 200 5.42 -5.89 14.95
N HIS A 201 6.48 -5.12 14.67
CA HIS A 201 6.59 -4.42 13.40
C HIS A 201 6.79 -5.25 12.15
N TRP A 202 7.59 -6.31 12.24
CA TRP A 202 7.87 -7.22 11.12
C TRP A 202 6.56 -7.85 10.61
N VAL A 203 5.60 -8.02 11.50
CA VAL A 203 4.35 -8.57 11.08
C VAL A 203 3.88 -7.78 9.86
N TYR A 204 4.29 -6.53 9.78
CA TYR A 204 3.85 -5.65 8.70
C TYR A 204 4.59 -5.61 7.39
N TRP A 205 5.62 -6.43 7.24
CA TRP A 205 6.37 -6.46 6.00
C TRP A 205 6.11 -7.81 5.47
N VAL A 206 6.34 -8.81 6.34
CA VAL A 206 6.08 -10.21 6.04
C VAL A 206 4.65 -10.23 5.54
N GLY A 207 3.69 -10.13 6.47
CA GLY A 207 2.27 -10.19 6.14
C GLY A 207 1.93 -9.54 4.81
N PRO A 208 2.33 -8.29 4.58
CA PRO A 208 1.95 -7.79 3.28
C PRO A 208 2.83 -8.20 2.14
N VAL A 209 4.07 -8.56 2.42
CA VAL A 209 4.95 -8.99 1.36
C VAL A 209 4.37 -10.32 0.84
N ILE A 210 4.31 -11.33 1.71
CA ILE A 210 3.74 -12.61 1.32
C ILE A 210 2.34 -12.40 0.67
N GLY A 211 1.53 -11.51 1.23
CA GLY A 211 0.22 -11.27 0.66
C GLY A 211 0.34 -10.81 -0.78
N ALA A 212 1.05 -9.70 -0.97
CA ALA A 212 1.32 -9.11 -2.29
C ALA A 212 1.84 -10.19 -3.21
N GLY A 213 2.93 -10.83 -2.79
CA GLY A 213 3.53 -11.90 -3.57
C GLY A 213 2.51 -12.98 -3.97
N LEU A 214 2.01 -13.74 -3.00
CA LEU A 214 1.04 -14.77 -3.36
C LEU A 214 -0.31 -14.18 -3.77
N GLY A 215 -0.24 -12.98 -4.34
CA GLY A 215 -1.44 -12.30 -4.81
C GLY A 215 -1.20 -12.03 -6.28
N SER A 216 0.06 -11.75 -6.61
CA SER A 216 0.47 -11.50 -7.99
C SER A 216 0.59 -12.89 -8.61
N LEU A 217 0.66 -13.90 -7.73
CA LEU A 217 0.75 -15.31 -8.12
C LEU A 217 -0.67 -15.77 -8.43
N LEU A 218 -1.54 -15.61 -7.46
CA LEU A 218 -2.92 -16.02 -7.64
C LEU A 218 -3.61 -15.36 -8.83
N TYR A 219 -2.98 -14.36 -9.45
CA TYR A 219 -3.59 -13.70 -10.61
C TYR A 219 -2.85 -14.03 -11.89
N ASP A 220 -1.58 -13.65 -11.96
CA ASP A 220 -0.70 -13.88 -13.12
C ASP A 220 -0.67 -15.30 -13.73
N PHE A 221 -0.76 -16.33 -12.88
CA PHE A 221 -0.73 -17.70 -13.35
C PHE A 221 -2.01 -18.44 -13.03
N LEU A 222 -2.47 -18.28 -11.80
CA LEU A 222 -3.68 -18.96 -11.37
C LEU A 222 -4.93 -18.44 -12.13
N LEU A 223 -5.57 -17.42 -11.58
CA LEU A 223 -6.79 -16.85 -12.16
C LEU A 223 -6.76 -16.35 -13.62
N PHE A 224 -6.09 -15.23 -13.89
CA PHE A 224 -6.03 -14.68 -15.26
C PHE A 224 -4.60 -14.73 -15.76
N PRO A 225 -4.15 -15.90 -16.27
CA PRO A 225 -2.78 -16.13 -16.79
C PRO A 225 -2.31 -15.24 -17.94
N ARG A 226 -1.18 -15.63 -18.56
CA ARG A 226 -0.57 -14.90 -19.68
C ARG A 226 -0.51 -15.79 -20.93
N LEU A 227 -0.93 -15.24 -22.08
CA LEU A 227 -0.98 -15.98 -23.35
C LEU A 227 0.18 -15.94 -24.36
N LYS A 228 1.39 -15.57 -23.92
CA LYS A 228 2.50 -15.56 -24.86
C LYS A 228 3.65 -16.34 -24.21
N SER A 229 4.75 -15.66 -23.85
CA SER A 229 5.83 -16.41 -23.22
C SER A 229 6.09 -15.90 -21.81
N VAL A 230 6.26 -16.83 -20.88
CA VAL A 230 6.51 -16.52 -19.48
C VAL A 230 8.02 -16.39 -19.23
N SER A 231 8.78 -17.27 -19.86
CA SER A 231 10.22 -17.25 -19.71
C SER A 231 10.83 -16.10 -20.51
N GLU A 232 10.20 -15.74 -21.62
CA GLU A 232 10.71 -14.66 -22.45
C GLU A 232 10.50 -13.31 -21.79
N ARG A 233 9.31 -13.11 -21.21
CA ARG A 233 8.98 -11.85 -20.55
C ARG A 233 9.88 -11.53 -19.35
N LEU A 234 10.32 -12.59 -18.65
CA LEU A 234 11.19 -12.41 -17.49
C LEU A 234 12.51 -11.76 -17.84
N SER A 235 12.66 -11.37 -19.10
CA SER A 235 13.89 -10.74 -19.56
C SER A 235 13.87 -9.26 -19.20
N ILE A 236 12.73 -8.80 -18.66
CA ILE A 236 12.59 -7.41 -18.25
C ILE A 236 13.53 -7.10 -17.08
N LEU A 237 13.83 -8.12 -16.28
CA LEU A 237 14.73 -7.95 -15.14
C LEU A 237 16.09 -7.49 -15.63
N LYS A 238 16.56 -8.10 -16.72
CA LYS A 238 17.84 -7.76 -17.32
C LYS A 238 17.75 -6.41 -18.02
N GLY A 239 16.63 -5.74 -17.82
CA GLY A 239 16.41 -4.44 -18.44
C GLY A 239 14.99 -4.31 -18.95
#